data_6JVL
#
_entry.id   6JVL
#
_cell.length_a   59.244
_cell.length_b   67.227
_cell.length_c   79.583
_cell.angle_alpha   90.000
_cell.angle_beta   90.000
_cell.angle_gamma   90.000
#
_symmetry.space_group_name_H-M   'P 21 21 21'
#
loop_
_entity.id
_entity.type
_entity.pdbx_description
1 polymer '7,8-dihydro-8-oxoguanine triphosphatase'
2 non-polymer N4-cyclopropyl-5-ethyl-6-(4-methylpiperazin-1-yl)pyrimidine-2,4-diamine
3 water water
#
_entity_poly.entity_id   1
_entity_poly.type   'polypeptide(L)'
_entity_poly.pdbx_seq_one_letter_code
;MGASRLYTLVLVLQPQRVLLGMKKRGFGAGRWNGFGGKVQEGETIEDGARRELQEESGLTVDALHKVGQIVFEFVGEPEL
MDVHVFCTDSIQGTPVESDEMRPCWFQLDQIPFKDMWPDDSYWFPLLLQKKKFHGYFKFQGQDTILDYTLREVDTV
;
_entity_poly.pdbx_strand_id   A,B
#
loop_
_chem_comp.id
_chem_comp.type
_chem_comp.name
_chem_comp.formula
CG0 non-polymer N4-cyclopropyl-5-ethyl-6-(4-methylpiperazin-1-yl)pyrimidine-2,4-diamine 'C14 H24 N6'
#
# COMPACT_ATOMS: atom_id res chain seq x y z
N ALA A 3 -20.32 6.47 -2.20
CA ALA A 3 -20.41 5.14 -1.62
C ALA A 3 -19.57 4.23 -2.48
N SER A 4 -19.94 2.96 -2.52
CA SER A 4 -19.13 1.99 -3.25
C SER A 4 -20.07 0.85 -3.66
N ARG A 5 -19.62 0.02 -4.60
CA ARG A 5 -20.44 -1.08 -5.10
C ARG A 5 -19.66 -2.39 -5.09
N LEU A 6 -20.33 -3.48 -4.69
CA LEU A 6 -19.67 -4.78 -4.47
C LEU A 6 -19.45 -5.53 -5.78
N TYR A 7 -18.23 -6.06 -5.93
CA TYR A 7 -17.82 -6.89 -7.05
C TYR A 7 -17.11 -8.12 -6.50
N THR A 8 -17.00 -9.15 -7.33
CA THR A 8 -16.23 -10.34 -7.00
C THR A 8 -15.20 -10.60 -8.08
N LEU A 9 -14.15 -11.31 -7.69
CA LEU A 9 -13.13 -11.77 -8.62
C LEU A 9 -12.65 -13.13 -8.11
N VAL A 10 -12.64 -14.14 -8.99
CA VAL A 10 -12.27 -15.50 -8.60
C VAL A 10 -11.05 -15.94 -9.39
N LEU A 11 -10.03 -16.41 -8.68
CA LEU A 11 -8.82 -16.95 -9.29
C LEU A 11 -8.74 -18.43 -8.95
N VAL A 12 -8.75 -19.27 -9.97
CA VAL A 12 -8.50 -20.70 -9.83
C VAL A 12 -6.99 -20.90 -9.92
N LEU A 13 -6.36 -21.17 -8.78
CA LEU A 13 -4.91 -21.21 -8.65
C LEU A 13 -4.51 -22.61 -8.21
N GLN A 14 -3.91 -23.37 -9.11
CA GLN A 14 -3.48 -24.72 -8.86
C GLN A 14 -1.97 -24.71 -8.76
N PRO A 15 -1.35 -25.79 -8.18
CA PRO A 15 0.07 -25.74 -7.83
C PRO A 15 0.98 -25.14 -8.90
N GLN A 16 0.70 -25.39 -10.17
CA GLN A 16 1.61 -24.94 -11.21
C GLN A 16 0.91 -24.12 -12.29
N ARG A 17 -0.31 -23.66 -12.04
CA ARG A 17 -0.98 -22.93 -13.12
C ARG A 17 -2.13 -22.13 -12.55
N VAL A 18 -2.53 -21.08 -13.27
CA VAL A 18 -3.65 -20.25 -12.86
C VAL A 18 -4.57 -20.05 -14.05
N LEU A 19 -5.87 -20.06 -13.78
CA LEU A 19 -6.86 -19.90 -14.85
C LEU A 19 -7.25 -18.45 -14.97
N LEU A 20 -7.15 -17.91 -16.19
CA LEU A 20 -7.60 -16.55 -16.48
C LEU A 20 -8.56 -16.60 -17.67
N GLY A 21 -9.36 -15.56 -17.80
CA GLY A 21 -10.26 -15.43 -18.93
C GLY A 21 -10.02 -14.12 -19.66
N MET A 22 -10.00 -14.19 -21.00
CA MET A 22 -9.92 -13.00 -21.85
C MET A 22 -11.32 -12.42 -21.98
N LYS A 23 -11.52 -11.23 -21.43
CA LYS A 23 -12.83 -10.57 -21.46
C LYS A 23 -13.13 -10.11 -22.88
N LYS A 24 -14.24 -10.58 -23.43
CA LYS A 24 -14.54 -10.36 -24.84
C LYS A 24 -15.45 -9.17 -25.10
N ARG A 25 -16.13 -8.67 -24.07
CA ARG A 25 -17.03 -7.53 -24.23
C ARG A 25 -17.20 -6.87 -22.87
N GLY A 26 -17.65 -5.62 -22.89
CA GLY A 26 -17.94 -4.93 -21.65
C GLY A 26 -16.74 -4.18 -21.10
N PHE A 27 -16.83 -3.88 -19.81
CA PHE A 27 -15.76 -3.17 -19.12
C PHE A 27 -14.53 -4.05 -18.96
N GLY A 28 -13.39 -3.57 -19.42
CA GLY A 28 -12.17 -4.37 -19.36
C GLY A 28 -12.02 -5.37 -20.48
N ALA A 29 -12.80 -5.25 -21.56
CA ALA A 29 -12.61 -6.11 -22.71
C ALA A 29 -11.20 -5.98 -23.25
N GLY A 30 -10.65 -7.11 -23.72
CA GLY A 30 -9.30 -7.15 -24.23
C GLY A 30 -8.23 -7.46 -23.21
N ARG A 31 -8.59 -7.64 -21.93
CA ARG A 31 -7.64 -7.99 -20.88
C ARG A 31 -8.00 -9.32 -20.25
N TRP A 32 -6.96 -10.09 -19.91
CA TRP A 32 -7.12 -11.30 -19.10
C TRP A 32 -7.45 -10.89 -17.67
N ASN A 33 -8.30 -11.67 -17.00
CA ASN A 33 -8.65 -11.37 -15.62
C ASN A 33 -9.18 -12.64 -14.97
N GLY A 34 -9.37 -12.60 -13.66
CA GLY A 34 -10.16 -13.60 -12.99
C GLY A 34 -11.61 -13.48 -13.43
N PHE A 35 -12.44 -14.37 -12.91
CA PHE A 35 -13.86 -14.38 -13.25
C PHE A 35 -14.65 -13.66 -12.17
N GLY A 36 -15.65 -12.89 -12.56
CA GLY A 36 -16.44 -12.19 -11.58
C GLY A 36 -17.30 -11.10 -12.21
N GLY A 37 -17.87 -10.29 -11.32
CA GLY A 37 -18.74 -9.21 -11.75
C GLY A 37 -19.46 -8.62 -10.56
N LYS A 38 -20.54 -7.90 -10.86
CA LYS A 38 -21.31 -7.25 -9.80
C LYS A 38 -22.04 -8.27 -8.94
N VAL A 39 -22.11 -7.98 -7.64
CA VAL A 39 -22.90 -8.77 -6.71
C VAL A 39 -24.33 -8.26 -6.77
N GLN A 40 -25.28 -9.19 -6.91
CA GLN A 40 -26.67 -8.84 -7.09
C GLN A 40 -27.40 -8.73 -5.75
N GLU A 41 -28.48 -7.96 -5.75
CA GLU A 41 -29.38 -7.98 -4.59
C GLU A 41 -29.91 -9.38 -4.41
N GLY A 42 -29.95 -9.86 -3.16
CA GLY A 42 -30.51 -11.16 -2.89
C GLY A 42 -29.52 -12.31 -2.86
N GLU A 43 -28.23 -12.05 -3.11
CA GLU A 43 -27.20 -13.08 -3.01
C GLU A 43 -26.06 -12.57 -2.14
N THR A 44 -25.40 -13.49 -1.43
CA THR A 44 -24.19 -13.13 -0.70
C THR A 44 -23.05 -12.84 -1.67
N ILE A 45 -21.97 -12.25 -1.15
CA ILE A 45 -20.81 -11.99 -1.99
C ILE A 45 -20.25 -13.30 -2.53
N GLU A 46 -20.11 -14.31 -1.67
CA GLU A 46 -19.55 -15.58 -2.14
C GLU A 46 -20.49 -16.24 -3.15
N ASP A 47 -21.80 -16.16 -2.93
CA ASP A 47 -22.71 -16.70 -3.93
C ASP A 47 -22.61 -15.94 -5.25
N GLY A 48 -22.44 -14.62 -5.20
CA GLY A 48 -22.22 -13.88 -6.43
C GLY A 48 -20.95 -14.33 -7.13
N ALA A 49 -19.91 -14.61 -6.36
CA ALA A 49 -18.66 -15.08 -6.95
C ALA A 49 -18.86 -16.44 -7.63
N ARG A 50 -19.58 -17.36 -6.98
CA ARG A 50 -19.85 -18.65 -7.60
C ARG A 50 -20.70 -18.50 -8.86
N ARG A 51 -21.71 -17.62 -8.80
CA ARG A 51 -22.57 -17.40 -9.95
C ARG A 51 -21.79 -16.87 -11.14
N GLU A 52 -20.93 -15.87 -10.89
CA GLU A 52 -20.14 -15.31 -11.99
C GLU A 52 -19.15 -16.32 -12.56
N LEU A 53 -18.52 -17.10 -11.69
CA LEU A 53 -17.63 -18.15 -12.18
C LEU A 53 -18.36 -19.12 -13.09
N GLN A 54 -19.56 -19.54 -12.68
CA GLN A 54 -20.33 -20.47 -13.49
C GLN A 54 -20.79 -19.82 -14.80
N GLU A 55 -21.31 -18.58 -14.72
CA GLU A 55 -21.77 -17.87 -15.91
C GLU A 55 -20.65 -17.70 -16.94
N GLU A 56 -19.45 -17.37 -16.48
CA GLU A 56 -18.37 -16.97 -17.39
C GLU A 56 -17.50 -18.15 -17.86
N SER A 57 -17.46 -19.24 -17.09
CA SER A 57 -16.58 -20.38 -17.34
C SER A 57 -17.28 -21.74 -17.35
N GLY A 58 -18.49 -21.85 -16.81
CA GLY A 58 -19.14 -23.12 -16.59
C GLY A 58 -18.70 -23.87 -15.35
N LEU A 59 -17.69 -23.38 -14.65
CA LEU A 59 -17.10 -24.11 -13.53
C LEU A 59 -17.92 -23.90 -12.25
N THR A 60 -17.97 -24.94 -11.43
CA THR A 60 -18.43 -24.83 -10.06
C THR A 60 -17.29 -25.20 -9.14
N VAL A 61 -17.43 -24.87 -7.86
CA VAL A 61 -16.33 -25.01 -6.90
C VAL A 61 -16.88 -25.57 -5.61
N ASP A 62 -16.08 -26.41 -4.95
CA ASP A 62 -16.43 -26.89 -3.62
C ASP A 62 -16.32 -25.77 -2.60
N ALA A 63 -15.13 -25.18 -2.49
CA ALA A 63 -14.88 -24.12 -1.51
C ALA A 63 -14.19 -22.95 -2.18
N LEU A 64 -14.67 -21.74 -1.87
CA LEU A 64 -13.99 -20.50 -2.21
C LEU A 64 -13.36 -19.92 -0.96
N HIS A 65 -12.15 -19.42 -1.09
CA HIS A 65 -11.43 -18.85 0.04
C HIS A 65 -11.25 -17.36 -0.21
N LYS A 66 -11.60 -16.55 0.79
CA LYS A 66 -11.36 -15.12 0.72
C LYS A 66 -9.86 -14.86 0.76
N VAL A 67 -9.34 -14.17 -0.25
CA VAL A 67 -7.92 -13.85 -0.23
C VAL A 67 -7.65 -12.37 -0.28
N GLY A 68 -8.59 -11.54 -0.75
CA GLY A 68 -8.22 -10.14 -0.75
C GLY A 68 -9.43 -9.25 -0.90
N GLN A 69 -9.19 -7.96 -0.66
CA GLN A 69 -10.16 -6.92 -0.98
C GLN A 69 -9.39 -5.81 -1.67
N ILE A 70 -9.91 -5.32 -2.79
CA ILE A 70 -9.29 -4.20 -3.49
C ILE A 70 -10.36 -3.15 -3.76
N VAL A 71 -10.11 -1.91 -3.36
CA VAL A 71 -11.01 -0.80 -3.64
C VAL A 71 -10.47 -0.01 -4.80
N PHE A 72 -11.33 0.31 -5.76
CA PHE A 72 -10.96 1.11 -6.92
C PHE A 72 -11.74 2.42 -6.94
N GLU A 73 -11.02 3.51 -7.17
CA GLU A 73 -11.62 4.78 -7.54
C GLU A 73 -11.29 5.03 -8.99
N PHE A 74 -12.31 5.32 -9.79
CA PHE A 74 -12.11 5.83 -11.14
C PHE A 74 -12.50 7.30 -11.14
N VAL A 75 -11.55 8.17 -11.50
CA VAL A 75 -11.80 9.61 -11.50
C VAL A 75 -13.10 9.91 -12.23
N GLY A 76 -13.94 10.74 -11.63
CA GLY A 76 -15.20 11.11 -12.23
C GLY A 76 -16.31 10.09 -12.06
N GLU A 77 -16.04 8.96 -11.47
CA GLU A 77 -17.08 7.96 -11.24
C GLU A 77 -17.51 8.00 -9.79
N PRO A 78 -18.80 8.13 -9.49
CA PRO A 78 -19.19 8.40 -8.09
C PRO A 78 -18.97 7.22 -7.16
N GLU A 79 -19.25 6.00 -7.61
CA GLU A 79 -19.15 4.81 -6.80
C GLU A 79 -17.73 4.23 -6.86
N LEU A 80 -17.15 3.98 -5.71
CA LEU A 80 -15.95 3.15 -5.68
C LEU A 80 -16.36 1.70 -5.97
N MET A 81 -15.45 0.94 -6.55
CA MET A 81 -15.66 -0.49 -6.73
C MET A 81 -14.97 -1.25 -5.60
N ASP A 82 -15.73 -2.04 -4.84
CA ASP A 82 -15.21 -2.82 -3.73
C ASP A 82 -15.15 -4.28 -4.18
N VAL A 83 -13.96 -4.73 -4.60
CA VAL A 83 -13.78 -6.02 -5.25
C VAL A 83 -13.32 -7.02 -4.19
N HIS A 84 -14.12 -8.05 -3.97
CA HIS A 84 -13.78 -9.12 -3.06
C HIS A 84 -13.17 -10.26 -3.86
N VAL A 85 -11.93 -10.62 -3.54
CA VAL A 85 -11.13 -11.55 -4.31
C VAL A 85 -11.11 -12.89 -3.62
N PHE A 86 -11.40 -13.94 -4.38
CA PHE A 86 -11.46 -15.31 -3.90
C PHE A 86 -10.48 -16.18 -4.68
N CYS A 87 -10.06 -17.25 -4.04
CA CYS A 87 -9.17 -18.22 -4.68
C CYS A 87 -9.71 -19.62 -4.40
N THR A 88 -9.37 -20.55 -5.28
CA THR A 88 -9.67 -21.95 -5.06
C THR A 88 -8.65 -22.76 -5.84
N ASP A 89 -8.30 -23.93 -5.30
CA ASP A 89 -7.43 -24.87 -6.00
C ASP A 89 -8.28 -25.87 -6.78
N SER A 90 -9.19 -26.55 -6.10
CA SER A 90 -10.02 -27.57 -6.74
C SER A 90 -11.22 -26.91 -7.40
N ILE A 91 -11.46 -27.26 -8.66
CA ILE A 91 -12.64 -26.81 -9.40
C ILE A 91 -13.43 -28.04 -9.83
N GLN A 92 -14.68 -27.79 -10.18
CA GLN A 92 -15.55 -28.84 -10.71
C GLN A 92 -15.87 -28.49 -12.15
N GLY A 93 -15.40 -29.32 -13.06
CA GLY A 93 -15.60 -29.15 -14.48
C GLY A 93 -14.33 -28.73 -15.21
N THR A 94 -14.47 -28.67 -16.53
CA THR A 94 -13.46 -28.17 -17.43
C THR A 94 -13.92 -26.80 -17.93
N PRO A 95 -13.10 -25.76 -17.89
CA PRO A 95 -13.60 -24.44 -18.26
C PRO A 95 -13.94 -24.35 -19.74
N VAL A 96 -15.01 -23.62 -20.04
CA VAL A 96 -15.45 -23.46 -21.43
C VAL A 96 -15.70 -21.99 -21.70
N GLU A 97 -15.57 -21.61 -22.97
CA GLU A 97 -15.75 -20.24 -23.39
C GLU A 97 -17.21 -19.83 -23.23
N SER A 98 -17.43 -18.62 -22.78
CA SER A 98 -18.75 -17.99 -22.67
C SER A 98 -18.79 -16.77 -23.59
N ASP A 99 -19.95 -16.12 -23.62
CA ASP A 99 -20.07 -14.87 -24.36
C ASP A 99 -19.14 -13.81 -23.79
N GLU A 100 -18.88 -13.86 -22.49
CA GLU A 100 -18.06 -12.86 -21.83
C GLU A 100 -16.58 -13.21 -21.76
N MET A 101 -16.22 -14.50 -21.65
CA MET A 101 -14.84 -14.86 -21.33
C MET A 101 -14.35 -16.01 -22.18
N ARG A 102 -13.08 -15.95 -22.57
CA ARG A 102 -12.39 -17.09 -23.18
C ARG A 102 -11.32 -17.60 -22.23
N PRO A 103 -11.48 -18.78 -21.63
CA PRO A 103 -10.55 -19.21 -20.58
C PRO A 103 -9.28 -19.87 -21.09
N CYS A 104 -8.22 -19.72 -20.28
CA CYS A 104 -6.94 -20.30 -20.62
C CYS A 104 -6.11 -20.45 -19.35
N TRP A 105 -5.38 -21.57 -19.25
CA TRP A 105 -4.45 -21.77 -18.14
C TRP A 105 -3.10 -21.13 -18.44
N PHE A 106 -2.47 -20.53 -17.43
CA PHE A 106 -1.16 -19.92 -17.57
C PHE A 106 -0.20 -20.50 -16.53
N GLN A 107 0.98 -20.91 -16.97
CA GLN A 107 2.00 -21.30 -16.01
C GLN A 107 2.36 -20.10 -15.14
N LEU A 108 2.74 -20.38 -13.88
CA LEU A 108 2.83 -19.30 -12.90
C LEU A 108 3.94 -18.29 -13.22
N ASP A 109 4.92 -18.66 -14.04
CA ASP A 109 5.94 -17.72 -14.48
C ASP A 109 5.63 -17.12 -15.85
N GLN A 110 4.40 -17.30 -16.37
CA GLN A 110 4.03 -16.76 -17.67
C GLN A 110 2.69 -16.02 -17.59
N ILE A 111 2.42 -15.41 -16.46
CA ILE A 111 1.18 -14.64 -16.30
C ILE A 111 1.25 -13.40 -17.17
N PRO A 112 0.22 -13.11 -17.99
CA PRO A 112 0.32 -12.07 -19.05
C PRO A 112 0.01 -10.66 -18.54
N PHE A 113 0.88 -10.16 -17.65
CA PHE A 113 0.60 -8.89 -16.97
C PHE A 113 0.44 -7.74 -17.94
N LYS A 114 1.14 -7.77 -19.07
CA LYS A 114 1.03 -6.61 -19.96
C LYS A 114 -0.35 -6.54 -20.59
N ASP A 115 -1.09 -7.64 -20.57
CA ASP A 115 -2.45 -7.71 -21.11
C ASP A 115 -3.49 -7.90 -20.02
N MET A 116 -3.22 -7.40 -18.82
CA MET A 116 -4.12 -7.43 -17.68
C MET A 116 -4.30 -6.02 -17.15
N TRP A 117 -5.26 -5.83 -16.25
CA TRP A 117 -5.37 -4.54 -15.59
C TRP A 117 -4.04 -4.22 -14.90
N PRO A 118 -3.58 -2.97 -14.97
CA PRO A 118 -2.24 -2.64 -14.43
C PRO A 118 -2.07 -2.95 -12.97
N ASP A 119 -3.15 -2.88 -12.18
CA ASP A 119 -3.04 -3.12 -10.75
C ASP A 119 -2.66 -4.56 -10.46
N ASP A 120 -2.98 -5.48 -11.37
CA ASP A 120 -2.70 -6.90 -11.11
C ASP A 120 -1.21 -7.10 -10.86
N SER A 121 -0.36 -6.34 -11.60
CA SER A 121 1.08 -6.51 -11.42
C SER A 121 1.49 -6.28 -9.97
N TYR A 122 0.73 -5.46 -9.26
CA TYR A 122 1.07 -5.11 -7.89
C TYR A 122 0.60 -6.17 -6.91
N TRP A 123 -0.62 -6.70 -7.07
CA TRP A 123 -1.14 -7.54 -5.99
C TRP A 123 -1.14 -9.02 -6.31
N PHE A 124 -1.10 -9.40 -7.59
CA PHE A 124 -1.01 -10.82 -7.96
C PHE A 124 0.15 -11.55 -7.29
N PRO A 125 1.34 -10.96 -7.12
CA PRO A 125 2.39 -11.69 -6.38
C PRO A 125 1.95 -12.11 -5.00
N LEU A 126 1.23 -11.24 -4.28
CA LEU A 126 0.77 -11.60 -2.95
C LEU A 126 -0.22 -12.76 -3.02
N LEU A 127 -1.10 -12.72 -4.02
CA LEU A 127 -1.99 -13.85 -4.27
C LEU A 127 -1.18 -15.13 -4.46
N LEU A 128 -0.16 -15.07 -5.32
CA LEU A 128 0.63 -16.28 -5.63
C LEU A 128 1.39 -16.76 -4.41
N GLN A 129 1.75 -15.85 -3.51
CA GLN A 129 2.45 -16.17 -2.28
C GLN A 129 1.50 -16.60 -1.16
N LYS A 130 0.21 -16.72 -1.47
CA LYS A 130 -0.81 -17.15 -0.52
C LYS A 130 -0.92 -16.22 0.70
N LYS A 131 -0.67 -14.93 0.50
CA LYS A 131 -0.86 -13.94 1.56
C LYS A 131 -2.17 -13.20 1.31
N LYS A 132 -2.89 -12.87 2.38
CA LYS A 132 -4.12 -12.10 2.24
C LYS A 132 -3.76 -10.61 2.20
N PHE A 133 -4.60 -9.82 1.52
CA PHE A 133 -4.20 -8.45 1.24
C PHE A 133 -5.41 -7.52 1.13
N HIS A 134 -5.14 -6.26 1.41
CA HIS A 134 -6.05 -5.14 1.17
C HIS A 134 -5.35 -4.17 0.24
N GLY A 135 -6.01 -3.81 -0.85
CA GLY A 135 -5.45 -2.88 -1.82
C GLY A 135 -6.42 -1.77 -2.17
N TYR A 136 -5.86 -0.67 -2.66
CA TYR A 136 -6.65 0.48 -3.12
C TYR A 136 -5.95 1.04 -4.34
N PHE A 137 -6.67 1.27 -5.43
CA PHE A 137 -6.08 1.79 -6.65
C PHE A 137 -6.93 2.92 -7.20
N LYS A 138 -6.30 4.03 -7.50
CA LYS A 138 -6.99 5.17 -8.09
C LYS A 138 -6.60 5.27 -9.56
N PHE A 139 -7.59 5.17 -10.44
CA PHE A 139 -7.38 5.18 -11.87
C PHE A 139 -7.92 6.45 -12.51
N GLN A 140 -7.19 6.95 -13.49
CA GLN A 140 -7.71 7.91 -14.46
C GLN A 140 -7.83 7.13 -15.77
N GLY A 141 -9.05 6.87 -16.21
CA GLY A 141 -9.17 6.01 -17.35
C GLY A 141 -8.87 4.58 -16.94
N GLN A 142 -8.50 3.77 -17.93
CA GLN A 142 -8.31 2.34 -17.69
C GLN A 142 -6.85 1.91 -17.66
N ASP A 143 -5.90 2.83 -17.90
CA ASP A 143 -4.49 2.44 -17.95
C ASP A 143 -3.59 3.09 -16.92
N THR A 144 -4.00 4.19 -16.28
CA THR A 144 -3.09 4.99 -15.48
C THR A 144 -3.44 4.90 -14.01
N ILE A 145 -2.55 4.32 -13.21
CA ILE A 145 -2.72 4.34 -11.76
C ILE A 145 -2.17 5.64 -11.24
N LEU A 146 -3.02 6.45 -10.59
CA LEU A 146 -2.58 7.71 -10.02
C LEU A 146 -2.07 7.57 -8.59
N ASP A 147 -2.80 6.83 -7.75
CA ASP A 147 -2.40 6.55 -6.37
C ASP A 147 -2.69 5.08 -6.10
N TYR A 148 -2.00 4.50 -5.13
CA TYR A 148 -2.40 3.17 -4.67
C TYR A 148 -1.84 2.91 -3.29
N THR A 149 -2.47 1.95 -2.60
CA THR A 149 -1.95 1.39 -1.36
C THR A 149 -2.13 -0.11 -1.40
N LEU A 150 -1.22 -0.81 -0.73
CA LEU A 150 -1.26 -2.27 -0.74
C LEU A 150 -0.63 -2.77 0.56
N ARG A 151 -1.35 -3.62 1.28
CA ARG A 151 -0.83 -4.18 2.52
C ARG A 151 -1.32 -5.62 2.69
N GLU A 152 -0.50 -6.46 3.35
CA GLU A 152 -0.97 -7.75 3.83
C GLU A 152 -1.84 -7.57 5.07
N VAL A 153 -2.85 -8.44 5.20
CA VAL A 153 -3.77 -8.41 6.32
C VAL A 153 -3.90 -9.81 6.90
N ASP A 154 -4.36 -9.87 8.15
CA ASP A 154 -4.67 -11.15 8.80
C ASP A 154 -6.07 -11.64 8.45
N THR A 155 -7.03 -10.71 8.39
CA THR A 155 -8.41 -11.00 8.08
C THR A 155 -8.81 -10.19 6.86
N VAL A 156 -9.31 -10.86 5.82
CA VAL A 156 -9.74 -10.13 4.62
C VAL A 156 -11.01 -9.34 4.91
N GLY B 2 15.52 9.40 -10.22
CA GLY B 2 15.83 10.82 -10.16
C GLY B 2 16.83 11.18 -9.08
N ALA B 3 17.50 12.33 -9.24
CA ALA B 3 18.46 12.79 -8.24
C ALA B 3 17.77 13.02 -6.90
N SER B 4 18.35 12.47 -5.84
CA SER B 4 17.72 12.43 -4.54
C SER B 4 18.72 12.87 -3.48
N ARG B 5 18.19 13.16 -2.30
CA ARG B 5 19.01 13.52 -1.15
C ARG B 5 18.51 12.73 0.05
N LEU B 6 19.44 12.15 0.81
CA LEU B 6 19.10 11.26 1.91
C LEU B 6 18.76 12.05 3.17
N TYR B 7 17.68 11.65 3.81
CA TYR B 7 17.27 12.20 5.10
C TYR B 7 16.92 11.04 6.02
N THR B 8 16.89 11.34 7.32
CA THR B 8 16.48 10.35 8.31
C THR B 8 15.27 10.87 9.07
N LEU B 9 14.50 9.93 9.61
CA LEU B 9 13.39 10.24 10.48
C LEU B 9 13.33 9.14 11.52
N VAL B 10 13.36 9.51 12.80
CA VAL B 10 13.41 8.53 13.90
C VAL B 10 12.17 8.72 14.76
N LEU B 11 11.43 7.64 14.97
CA LEU B 11 10.26 7.63 15.83
C LEU B 11 10.55 6.76 17.04
N VAL B 12 10.48 7.35 18.22
CA VAL B 12 10.55 6.61 19.47
C VAL B 12 9.13 6.17 19.82
N LEU B 13 8.85 4.89 19.66
CA LEU B 13 7.49 4.35 19.77
C LEU B 13 7.34 3.37 20.94
N VAL B 18 4.26 7.79 21.97
CA VAL B 18 5.30 8.07 20.96
C VAL B 18 5.91 9.46 21.14
N LEU B 19 7.23 9.59 20.93
CA LEU B 19 7.92 10.85 21.16
C LEU B 19 7.98 11.65 19.87
N LEU B 20 7.53 12.90 19.90
CA LEU B 20 7.62 13.76 18.74
C LEU B 20 8.34 15.05 19.12
N GLY B 21 8.83 15.74 18.09
CA GLY B 21 9.48 17.01 18.34
C GLY B 21 8.81 18.14 17.58
N MET B 22 8.55 19.25 18.27
CA MET B 22 8.01 20.43 17.63
C MET B 22 9.16 21.19 17.00
N LYS B 23 9.17 21.23 15.67
CA LYS B 23 10.21 21.95 14.93
C LYS B 23 9.99 23.45 15.11
N LYS B 24 11.01 24.14 15.63
CA LYS B 24 10.94 25.56 15.98
C LYS B 24 11.53 26.47 14.91
N ARG B 25 12.32 25.89 14.00
CA ARG B 25 12.91 26.62 12.90
C ARG B 25 13.12 25.70 11.69
N GLY B 26 13.19 26.32 10.52
CA GLY B 26 13.53 25.57 9.32
C GLY B 26 12.37 24.99 8.53
N PHE B 27 12.73 23.98 7.75
CA PHE B 27 11.77 23.28 6.91
C PHE B 27 10.81 22.51 7.78
N GLY B 28 9.52 22.81 7.63
CA GLY B 28 8.52 22.17 8.45
C GLY B 28 8.37 22.78 9.81
N ALA B 29 8.85 24.01 10.02
CA ALA B 29 8.70 24.67 11.31
C ALA B 29 7.24 24.81 11.69
N GLY B 30 6.97 24.64 12.99
CA GLY B 30 5.62 24.71 13.51
C GLY B 30 4.87 23.40 13.51
N ARG B 31 5.46 22.32 13.00
CA ARG B 31 4.81 21.03 12.95
C ARG B 31 5.56 20.03 13.80
N TRP B 32 4.80 19.13 14.43
CA TRP B 32 5.39 17.98 15.11
C TRP B 32 5.90 16.97 14.09
N ASN B 33 7.05 16.38 14.38
CA ASN B 33 7.62 15.36 13.49
C ASN B 33 8.54 14.48 14.30
N GLY B 34 8.94 13.36 13.72
CA GLY B 34 10.03 12.59 14.28
C GLY B 34 11.32 13.39 14.19
N PHE B 35 12.39 12.82 14.72
CA PHE B 35 13.69 13.48 14.74
C PHE B 35 14.52 13.02 13.56
N GLY B 36 15.30 13.93 13.00
CA GLY B 36 16.12 13.56 11.86
C GLY B 36 16.63 14.77 11.13
N GLY B 37 17.18 14.51 9.95
CA GLY B 37 17.76 15.56 9.14
C GLY B 37 18.57 14.97 7.99
N LYS B 38 19.42 15.81 7.43
CA LYS B 38 20.25 15.39 6.30
C LYS B 38 21.29 14.37 6.76
N VAL B 39 21.61 13.42 5.88
CA VAL B 39 22.69 12.48 6.09
C VAL B 39 23.98 13.08 5.55
N GLN B 40 25.06 13.01 6.33
CA GLN B 40 26.33 13.63 5.98
C GLN B 40 27.22 12.68 5.16
N GLU B 41 28.12 13.27 4.37
CA GLU B 41 29.17 12.49 3.76
C GLU B 41 30.04 11.89 4.86
N GLY B 42 30.35 10.60 4.74
CA GLY B 42 31.21 9.96 5.71
C GLY B 42 30.52 9.23 6.85
N GLU B 43 29.19 9.24 6.91
CA GLU B 43 28.45 8.50 7.92
C GLU B 43 27.42 7.61 7.24
N THR B 44 27.12 6.46 7.85
CA THR B 44 26.03 5.65 7.33
C THR B 44 24.70 6.33 7.59
N ILE B 45 23.66 5.85 6.91
CA ILE B 45 22.34 6.44 7.14
C ILE B 45 21.92 6.27 8.59
N GLU B 46 22.11 5.08 9.15
CA GLU B 46 21.72 4.85 10.54
C GLU B 46 22.57 5.68 11.50
N ASP B 47 23.85 5.86 11.19
CA ASP B 47 24.67 6.73 12.02
C ASP B 47 24.15 8.16 11.99
N GLY B 48 23.70 8.61 10.83
CA GLY B 48 23.11 9.94 10.74
C GLY B 48 21.82 10.04 11.56
N ALA B 49 21.03 8.97 11.55
CA ALA B 49 19.79 8.97 12.33
C ALA B 49 20.09 9.08 13.82
N ARG B 50 21.06 8.29 14.30
CA ARG B 50 21.46 8.39 15.70
C ARG B 50 22.02 9.77 16.02
N ARG B 51 22.83 10.32 15.12
CA ARG B 51 23.41 11.63 15.37
C ARG B 51 22.32 12.69 15.53
N GLU B 52 21.34 12.68 14.62
CA GLU B 52 20.26 13.66 14.69
C GLU B 52 19.41 13.43 15.93
N LEU B 53 19.13 12.17 16.29
CA LEU B 53 18.37 11.91 17.50
C LEU B 53 19.08 12.49 18.72
N GLN B 54 20.40 12.31 18.82
CA GLN B 54 21.10 12.87 19.96
C GLN B 54 21.12 14.40 19.90
N GLU B 55 21.40 14.97 18.73
CA GLU B 55 21.43 16.43 18.58
C GLU B 55 20.11 17.06 19.00
N GLU B 56 18.99 16.50 18.55
CA GLU B 56 17.70 17.15 18.69
C GLU B 56 16.96 16.76 19.97
N SER B 57 17.26 15.62 20.55
CA SER B 57 16.54 15.12 21.72
C SER B 57 17.45 14.83 22.91
N GLY B 58 18.75 14.68 22.69
CA GLY B 58 19.69 14.21 23.71
C GLY B 58 19.75 12.71 23.90
N LEU B 59 18.85 11.96 23.27
CA LEU B 59 18.75 10.53 23.52
C LEU B 59 19.80 9.75 22.73
N THR B 60 20.28 8.67 23.33
CA THR B 60 21.04 7.64 22.63
C THR B 60 20.21 6.35 22.72
N VAL B 61 20.49 5.39 21.86
CA VAL B 61 19.60 4.23 21.75
C VAL B 61 20.51 3.02 21.58
N ASP B 62 20.10 1.86 22.11
CA ASP B 62 20.88 0.65 21.82
C ASP B 62 20.76 0.27 20.35
N ALA B 63 19.53 0.06 19.88
CA ALA B 63 19.30 -0.34 18.51
C ALA B 63 18.23 0.51 17.85
N LEU B 64 18.48 0.94 16.62
CA LEU B 64 17.48 1.52 15.75
C LEU B 64 17.07 0.46 14.72
N HIS B 65 15.78 0.39 14.43
CA HIS B 65 15.27 -0.61 13.50
C HIS B 65 14.79 0.09 12.24
N LYS B 66 15.19 -0.46 11.09
CA LYS B 66 14.69 0.03 9.81
C LYS B 66 13.21 -0.30 9.69
N VAL B 67 12.37 0.72 9.52
CA VAL B 67 10.95 0.46 9.32
C VAL B 67 10.41 1.01 8.01
N GLY B 68 11.03 2.01 7.41
CA GLY B 68 10.43 2.46 6.16
C GLY B 68 11.34 3.33 5.33
N GLN B 69 10.91 3.56 4.10
CA GLN B 69 11.51 4.57 3.23
C GLN B 69 10.37 5.33 2.57
N ILE B 70 10.47 6.66 2.58
CA ILE B 70 9.48 7.52 1.94
C ILE B 70 10.20 8.48 1.03
N VAL B 71 9.79 8.57 -0.22
CA VAL B 71 10.32 9.56 -1.14
C VAL B 71 9.31 10.69 -1.25
N PHE B 72 9.78 11.92 -1.07
CA PHE B 72 8.93 13.09 -1.20
C PHE B 72 9.40 13.88 -2.42
N GLU B 73 8.44 14.24 -3.28
CA GLU B 73 8.66 15.17 -4.38
C GLU B 73 7.87 16.43 -4.09
N PHE B 74 8.54 17.58 -4.10
CA PHE B 74 7.88 18.85 -3.96
C PHE B 74 7.89 19.57 -5.31
N VAL B 75 6.69 19.89 -5.81
CA VAL B 75 6.55 20.60 -7.07
C VAL B 75 7.48 21.81 -7.10
N GLY B 76 8.18 21.97 -8.21
CA GLY B 76 9.09 23.09 -8.38
C GLY B 76 10.42 22.95 -7.70
N GLU B 77 10.64 21.88 -6.93
CA GLU B 77 11.92 21.62 -6.30
C GLU B 77 12.60 20.43 -6.95
N PRO B 78 13.84 20.59 -7.40
CA PRO B 78 14.43 19.56 -8.29
C PRO B 78 14.76 18.24 -7.61
N GLU B 79 15.34 18.27 -6.42
CA GLU B 79 15.78 17.06 -5.74
C GLU B 79 14.65 16.47 -4.91
N LEU B 80 14.42 15.17 -5.09
CA LEU B 80 13.57 14.41 -4.19
C LEU B 80 14.25 14.25 -2.84
N MET B 81 13.42 14.13 -1.79
CA MET B 81 13.90 13.77 -0.46
C MET B 81 13.70 12.27 -0.29
N ASP B 82 14.77 11.55 0.00
CA ASP B 82 14.75 10.11 0.21
C ASP B 82 14.91 9.87 1.71
N VAL B 83 13.77 9.70 2.40
CA VAL B 83 13.71 9.67 3.86
C VAL B 83 13.73 8.23 4.33
N HIS B 84 14.74 7.88 5.11
CA HIS B 84 14.83 6.57 5.73
C HIS B 84 14.28 6.66 7.15
N VAL B 85 13.25 5.86 7.44
CA VAL B 85 12.50 5.93 8.69
C VAL B 85 12.94 4.78 9.59
N PHE B 86 13.27 5.12 10.83
CA PHE B 86 13.74 4.18 11.84
C PHE B 86 12.83 4.25 13.06
N CYS B 87 12.80 3.18 13.82
CA CYS B 87 11.98 3.15 15.02
C CYS B 87 12.76 2.54 16.17
N THR B 88 12.40 2.94 17.39
CA THR B 88 13.01 2.38 18.58
C THR B 88 12.00 2.48 19.71
N ASP B 89 11.99 1.45 20.56
CA ASP B 89 11.19 1.42 21.77
C ASP B 89 12.00 1.87 22.97
N SER B 90 13.09 1.17 23.27
CA SER B 90 13.91 1.46 24.44
C SER B 90 14.92 2.54 24.08
N ILE B 91 15.02 3.55 24.94
CA ILE B 91 15.94 4.66 24.79
C ILE B 91 16.86 4.69 26.00
N GLN B 92 17.96 5.44 25.86
CA GLN B 92 18.90 5.70 26.95
C GLN B 92 18.86 7.18 27.28
N GLY B 93 18.40 7.51 28.47
CA GLY B 93 18.30 8.89 28.89
C GLY B 93 16.87 9.39 28.88
N THR B 94 16.73 10.64 29.33
CA THR B 94 15.46 11.37 29.31
C THR B 94 15.53 12.47 28.26
N PRO B 95 14.53 12.59 27.39
CA PRO B 95 14.62 13.58 26.31
C PRO B 95 14.56 14.99 26.87
N VAL B 96 15.38 15.87 26.28
CA VAL B 96 15.48 17.26 26.72
C VAL B 96 15.39 18.15 25.49
N GLU B 97 15.01 19.40 25.73
CA GLU B 97 14.85 20.33 24.63
C GLU B 97 16.18 20.53 23.93
N SER B 98 16.14 20.60 22.62
CA SER B 98 17.30 20.96 21.84
C SER B 98 17.01 22.30 21.20
N ASP B 99 18.04 22.84 20.53
CA ASP B 99 17.92 24.13 19.90
C ASP B 99 16.98 24.07 18.69
N GLU B 100 16.86 22.90 18.07
CA GLU B 100 16.05 22.66 16.87
C GLU B 100 14.64 22.17 17.19
N MET B 101 14.46 21.41 18.27
CA MET B 101 13.21 20.71 18.53
C MET B 101 12.80 20.84 19.98
N ARG B 102 11.49 20.89 20.19
CA ARG B 102 10.95 20.75 21.55
C ARG B 102 10.30 19.38 21.64
N PRO B 103 10.88 18.43 22.36
CA PRO B 103 10.32 17.08 22.39
C PRO B 103 9.14 16.99 23.35
N CYS B 104 8.25 16.05 23.06
CA CYS B 104 7.09 15.80 23.90
C CYS B 104 6.52 14.41 23.60
N TRP B 105 6.09 13.72 24.65
CA TRP B 105 5.43 12.43 24.47
C TRP B 105 3.96 12.66 24.15
N PHE B 106 3.42 11.83 23.25
CA PHE B 106 2.00 11.90 22.88
C PHE B 106 1.36 10.53 23.07
N GLN B 107 0.17 10.51 23.70
CA GLN B 107 -0.55 9.25 23.77
C GLN B 107 -0.85 8.75 22.37
N LEU B 108 -0.81 7.43 22.21
CA LEU B 108 -1.00 6.90 20.87
C LEU B 108 -2.41 7.21 20.34
N ASP B 109 -3.39 7.50 21.22
CA ASP B 109 -4.71 7.89 20.74
C ASP B 109 -4.87 9.40 20.66
N GLN B 110 -3.76 10.14 20.79
CA GLN B 110 -3.76 11.59 20.73
C GLN B 110 -2.62 12.09 19.83
N ILE B 111 -2.29 11.34 18.79
CA ILE B 111 -1.24 11.82 17.87
C ILE B 111 -1.77 13.06 17.14
N PRO B 112 -1.03 14.16 17.13
CA PRO B 112 -1.58 15.46 16.66
C PRO B 112 -1.46 15.66 15.15
N PHE B 113 -2.21 14.85 14.39
CA PHE B 113 -2.03 14.77 12.94
C PHE B 113 -2.29 16.11 12.25
N LYS B 114 -3.19 16.92 12.80
CA LYS B 114 -3.49 18.20 12.17
C LYS B 114 -2.33 19.18 12.33
N ASP B 115 -1.41 18.92 13.28
CA ASP B 115 -0.21 19.73 13.48
C ASP B 115 1.05 18.95 13.09
N MET B 116 0.91 18.02 12.16
CA MET B 116 1.99 17.24 11.58
C MET B 116 1.92 17.38 10.06
N TRP B 117 2.96 16.95 9.38
CA TRP B 117 2.90 16.88 7.92
C TRP B 117 1.71 16.01 7.48
N PRO B 118 0.99 16.40 6.43
CA PRO B 118 -0.22 15.67 6.05
C PRO B 118 0.01 14.19 5.69
N ASP B 119 1.21 13.80 5.25
CA ASP B 119 1.44 12.41 4.89
C ASP B 119 1.41 11.47 6.09
N ASP B 120 1.67 11.97 7.30
CA ASP B 120 1.82 11.09 8.45
C ASP B 120 0.55 10.25 8.70
N SER B 121 -0.62 10.85 8.55
CA SER B 121 -1.87 10.11 8.75
C SER B 121 -1.97 8.92 7.79
N TYR B 122 -1.29 8.97 6.66
CA TYR B 122 -1.34 7.88 5.69
C TYR B 122 -0.48 6.71 6.15
N TRP B 123 0.72 6.96 6.68
CA TRP B 123 1.63 5.85 6.94
C TRP B 123 1.80 5.50 8.41
N PHE B 124 1.38 6.35 9.33
CA PHE B 124 1.42 5.98 10.74
C PHE B 124 0.70 4.67 11.05
N PRO B 125 -0.45 4.34 10.43
CA PRO B 125 -1.07 3.03 10.73
C PRO B 125 -0.12 1.86 10.51
N LEU B 126 0.67 1.90 9.44
CA LEU B 126 1.64 0.83 9.21
C LEU B 126 2.74 0.87 10.27
N LEU B 127 3.22 2.07 10.61
CA LEU B 127 4.19 2.21 11.68
C LEU B 127 3.68 1.59 12.97
N LEU B 128 2.47 1.95 13.39
CA LEU B 128 1.95 1.47 14.67
C LEU B 128 1.75 -0.04 14.67
N GLN B 129 1.48 -0.62 13.50
CA GLN B 129 1.30 -2.06 13.40
C GLN B 129 2.62 -2.82 13.22
N LYS B 130 3.76 -2.13 13.32
CA LYS B 130 5.09 -2.75 13.17
C LYS B 130 5.25 -3.40 11.79
N LYS B 131 4.65 -2.83 10.76
CA LYS B 131 4.85 -3.25 9.39
C LYS B 131 5.87 -2.32 8.74
N LYS B 132 6.71 -2.88 7.86
CA LYS B 132 7.69 -2.09 7.10
C LYS B 132 7.02 -1.57 5.85
N PHE B 133 7.48 -0.42 5.36
CA PHE B 133 6.71 0.21 4.29
C PHE B 133 7.60 1.05 3.40
N HIS B 134 7.14 1.22 2.17
CA HIS B 134 7.70 2.13 1.19
C HIS B 134 6.61 3.10 0.80
N GLY B 135 6.91 4.41 0.86
CA GLY B 135 5.94 5.42 0.51
C GLY B 135 6.52 6.42 -0.49
N TYR B 136 5.61 7.07 -1.20
CA TYR B 136 5.94 8.15 -2.12
C TYR B 136 4.83 9.18 -2.02
N PHE B 137 5.19 10.45 -1.84
CA PHE B 137 4.18 11.50 -1.77
C PHE B 137 4.64 12.65 -2.64
N LYS B 138 3.75 13.12 -3.51
CA LYS B 138 4.04 14.31 -4.31
C LYS B 138 3.25 15.46 -3.71
N PHE B 139 3.95 16.53 -3.33
CA PHE B 139 3.38 17.68 -2.66
C PHE B 139 3.33 18.90 -3.57
N GLN B 140 2.27 19.69 -3.44
CA GLN B 140 2.21 21.04 -3.96
C GLN B 140 2.27 21.97 -2.75
N GLY B 141 3.39 22.66 -2.57
CA GLY B 141 3.47 23.44 -1.34
C GLY B 141 3.65 22.49 -0.17
N GLN B 142 3.32 22.99 1.02
CA GLN B 142 3.54 22.22 2.24
C GLN B 142 2.27 21.58 2.80
N ASP B 143 1.11 21.83 2.20
CA ASP B 143 -0.13 21.25 2.72
C ASP B 143 -0.83 20.29 1.79
N THR B 144 -0.50 20.28 0.50
CA THR B 144 -1.31 19.61 -0.51
C THR B 144 -0.59 18.39 -1.09
N ILE B 145 -1.12 17.20 -0.80
CA ILE B 145 -0.65 15.99 -1.45
C ILE B 145 -1.39 15.84 -2.77
N LEU B 146 -0.64 15.78 -3.87
CA LEU B 146 -1.25 15.60 -5.18
C LEU B 146 -1.45 14.12 -5.51
N ASP B 147 -0.43 13.31 -5.31
CA ASP B 147 -0.55 11.88 -5.50
C ASP B 147 0.35 11.17 -4.49
N TYR B 148 0.12 9.88 -4.31
CA TYR B 148 0.94 9.13 -3.36
C TYR B 148 0.83 7.66 -3.66
N THR B 149 1.80 6.91 -3.14
CA THR B 149 1.73 5.46 -3.10
C THR B 149 2.26 5.00 -1.74
N LEU B 150 1.73 3.89 -1.25
CA LEU B 150 2.21 3.35 0.02
C LEU B 150 2.00 1.85 -0.01
N ARG B 151 3.08 1.11 0.24
CA ARG B 151 3.00 -0.35 0.14
C ARG B 151 3.73 -0.94 1.33
N GLU B 152 3.14 -1.97 1.94
CA GLU B 152 3.90 -2.74 2.92
C GLU B 152 4.95 -3.55 2.17
N VAL B 153 6.14 -3.65 2.76
CA VAL B 153 7.27 -4.36 2.15
C VAL B 153 7.86 -5.32 3.16
N ASP B 154 8.57 -6.32 2.63
CA ASP B 154 9.34 -7.23 3.47
C ASP B 154 10.76 -6.73 3.68
N THR B 155 11.35 -6.07 2.68
CA THR B 155 12.69 -5.49 2.80
C THR B 155 12.60 -3.99 2.62
N VAL B 156 13.08 -3.23 3.60
CA VAL B 156 13.08 -1.76 3.49
C VAL B 156 14.20 -1.31 2.55
C13 CG0 C . -9.09 -4.29 -11.73
C15 CG0 C . -9.02 -1.85 -12.36
C16 CG0 C . -8.98 -0.47 -11.72
C17 CG0 C . -7.97 -0.85 -12.77
C01 CG0 C . -15.18 -8.86 -12.19
C03 CG0 C . -14.34 -7.28 -11.00
C04 CG0 C . -13.00 -6.61 -10.75
C06 CG0 C . -12.85 -6.51 -13.23
C07 CG0 C . -14.15 -7.30 -13.23
C08 CG0 C . -10.91 -5.81 -11.87
C10 CG0 C . -8.72 -6.57 -11.83
C18 CG0 C . -10.50 -4.49 -11.80
C19 CG0 C . -11.66 -3.43 -11.76
C20 CG0 C . -12.16 -3.00 -13.15
N02 CG0 C . -14.20 -8.07 -12.10
N05 CG0 C . -12.35 -6.05 -11.94
N09 CG0 C . -10.04 -6.81 -11.89
N11 CG0 C . -7.80 -7.70 -11.86
N12 CG0 C . -8.27 -5.33 -11.75
N14 CG0 C . -8.47 -2.98 -11.64
#